data_6LC1
#
_entry.id   6LC1
#
_cell.length_a   36.822
_cell.length_b   63.210
_cell.length_c   91.762
_cell.angle_alpha   109.980
_cell.angle_beta   90.210
_cell.angle_gamma   89.540
#
_symmetry.space_group_name_H-M   'P 1'
#
loop_
_entity.id
_entity.type
_entity.pdbx_description
1 polymer DNA
2 polymer 'Nuclear receptor subfamily 4 group A member 1'
3 polymer 'DNA (25-MER)'
4 non-polymer 'ZINC ION'
#
loop_
_entity_poly.entity_id
_entity_poly.type
_entity_poly.pdbx_seq_one_letter_code
_entity_poly.pdbx_strand_id
1 'polydeoxyribonucleotide'
;(DA)(DG)(DT)(DG)(DA)(DT)(DA)(DT)(DT)(DT)(DA)(DC)(DC)(DT)(DC)(DC)(DA)(DA)(DA)(DT)
(DG)(DC)(DC)(DA)(DG)(DG)
;
I,F
2 'polypeptide(L)'
;GRCAVCGDNASCQHYGVRTCEGCKGFFKRTVQKNAKYICLANKDCPVDKRRRNRCQFCRFQKCLAVGMVKEVVRTDSLKG
RRGRLPS
;
J,A,D,G
3 'polydeoxyribonucleotide'
;(DT)(DC)(DC)(DT)(DG)(DG)(DC)(DA)(DT)(DT)(DT)(DG)(DG)(DA)(DG)(DG)(DT)(DA)(DA)(DA)
(DT)(DA)(DT)(DC)(DA)(DC)
;
L,C
#
loop_
_chem_comp.id
_chem_comp.type
_chem_comp.name
_chem_comp.formula
DA DNA linking 2'-DEOXYADENOSINE-5'-MONOPHOSPHATE 'C10 H14 N5 O6 P'
DC DNA linking 2'-DEOXYCYTIDINE-5'-MONOPHOSPHATE 'C9 H14 N3 O7 P'
DG DNA linking 2'-DEOXYGUANOSINE-5'-MONOPHOSPHATE 'C10 H14 N5 O7 P'
DT DNA linking THYMIDINE-5'-MONOPHOSPHATE 'C10 H15 N2 O8 P'
ZN non-polymer 'ZINC ION' 'Zn 2'
#
# COMPACT_ATOMS: atom_id res chain seq x y z
N GLY B 1 38.42 19.25 -7.30
CA GLY B 1 37.49 18.64 -6.38
C GLY B 1 38.05 17.47 -5.60
N ARG B 2 37.39 16.32 -5.70
CA ARG B 2 37.87 15.13 -4.97
C ARG B 2 37.97 13.86 -5.80
N CYS B 3 37.61 13.92 -7.08
CA CYS B 3 37.68 12.74 -7.93
C CYS B 3 39.04 12.03 -7.86
N ALA B 4 39.03 10.79 -7.37
CA ALA B 4 40.27 10.02 -7.20
C ALA B 4 40.94 9.81 -8.57
N VAL B 5 40.15 9.67 -9.63
CA VAL B 5 40.69 9.32 -10.93
C VAL B 5 41.26 10.60 -11.65
N CYS B 6 40.39 11.56 -11.96
CA CYS B 6 40.79 12.71 -12.76
C CYS B 6 40.98 13.98 -11.94
N GLY B 7 40.43 14.04 -10.72
CA GLY B 7 40.65 15.20 -9.88
C GLY B 7 39.61 16.29 -9.99
N ASP B 8 38.49 16.04 -10.64
CA ASP B 8 37.43 17.03 -10.77
C ASP B 8 36.54 17.01 -9.52
N ASN B 9 35.52 17.87 -9.51
CA ASN B 9 34.58 17.89 -8.40
C ASN B 9 33.88 16.55 -8.26
N ALA B 10 33.83 16.05 -7.03
CA ALA B 10 33.25 14.76 -6.73
C ALA B 10 32.02 14.94 -5.85
N SER B 11 30.90 14.37 -6.29
CA SER B 11 29.62 14.50 -5.61
C SER B 11 29.45 13.51 -4.46
N CYS B 12 29.87 12.27 -4.65
CA CYS B 12 29.70 11.22 -3.63
C CYS B 12 30.48 9.99 -4.09
N GLN B 13 30.41 8.93 -3.28
CA GLN B 13 31.04 7.67 -3.64
C GLN B 13 30.31 6.93 -4.75
N HIS B 14 31.09 6.33 -5.65
CA HIS B 14 30.52 5.52 -6.73
C HIS B 14 31.34 4.25 -6.86
N TYR B 15 30.70 3.11 -6.64
CA TYR B 15 31.31 1.79 -6.75
C TYR B 15 32.48 1.61 -5.79
N GLY B 16 32.49 2.37 -4.70
CA GLY B 16 33.52 2.27 -3.69
C GLY B 16 34.50 3.43 -3.63
N VAL B 17 34.41 4.38 -4.55
CA VAL B 17 35.37 5.47 -4.65
C VAL B 17 34.61 6.78 -4.79
N ARG B 18 35.16 7.85 -4.23
CA ARG B 18 34.67 9.21 -4.44
C ARG B 18 35.09 9.66 -5.83
N THR B 19 34.16 9.64 -6.78
CA THR B 19 34.50 9.82 -8.19
C THR B 19 33.70 10.96 -8.80
N CYS B 20 33.95 11.16 -10.09
CA CYS B 20 33.25 12.15 -10.88
C CYS B 20 31.84 11.68 -11.21
N GLU B 21 31.10 12.54 -11.94
CA GLU B 21 29.99 12.05 -12.74
C GLU B 21 30.48 11.47 -14.06
N GLY B 22 31.58 12.02 -14.59
CA GLY B 22 32.15 11.50 -15.83
C GLY B 22 32.80 10.14 -15.65
N CYS B 23 33.62 10.00 -14.61
CA CYS B 23 34.25 8.71 -14.34
C CYS B 23 33.23 7.67 -13.91
N LYS B 24 32.10 8.10 -13.34
CA LYS B 24 31.02 7.17 -13.02
C LYS B 24 30.48 6.52 -14.29
N GLY B 25 30.09 7.35 -15.26
CA GLY B 25 29.55 6.82 -16.49
C GLY B 25 30.57 6.03 -17.29
N PHE B 26 31.82 6.50 -17.31
CA PHE B 26 32.85 5.78 -18.06
C PHE B 26 33.06 4.38 -17.50
N PHE B 27 33.07 4.25 -16.17
CA PHE B 27 33.21 2.93 -15.56
C PHE B 27 31.99 2.07 -15.81
N LYS B 28 30.79 2.65 -15.73
CA LYS B 28 29.57 1.88 -15.87
C LYS B 28 29.38 1.39 -17.31
N ARG B 29 29.55 2.28 -18.29
CA ARG B 29 29.34 1.90 -19.68
C ARG B 29 30.34 0.86 -20.15
N THR B 30 31.53 0.83 -19.54
CA THR B 30 32.52 -0.17 -19.91
C THR B 30 32.12 -1.55 -19.40
N VAL B 31 31.92 -1.67 -18.08
CA VAL B 31 31.56 -2.95 -17.49
C VAL B 31 30.24 -3.46 -18.05
N GLN B 32 29.36 -2.55 -18.49
CA GLN B 32 28.14 -2.98 -19.16
C GLN B 32 28.45 -3.68 -20.47
N LYS B 33 29.34 -3.08 -21.28
CA LYS B 33 29.73 -3.67 -22.56
C LYS B 33 30.88 -4.68 -22.47
N ASN B 34 31.66 -4.60 -21.40
CA ASN B 34 32.81 -5.47 -21.22
C ASN B 34 33.81 -5.26 -22.35
N ALA B 35 33.82 -4.04 -22.90
CA ALA B 35 34.73 -3.70 -23.98
C ALA B 35 36.18 -3.67 -23.55
N LYS B 36 37.05 -4.18 -24.41
CA LYS B 36 38.49 -4.20 -24.15
C LYS B 36 39.12 -2.97 -24.79
N TYR B 37 39.95 -2.27 -24.03
CA TYR B 37 40.58 -1.04 -24.48
C TYR B 37 42.06 -1.27 -24.76
N ILE B 38 42.59 -0.50 -25.69
CA ILE B 38 44.00 -0.58 -26.10
C ILE B 38 44.63 0.79 -25.92
N CYS B 39 45.82 0.82 -25.32
CA CYS B 39 46.63 2.02 -25.20
C CYS B 39 47.76 1.94 -26.22
N LEU B 40 47.70 2.80 -27.24
CA LEU B 40 48.72 2.82 -28.27
C LEU B 40 50.10 3.15 -27.72
N ALA B 41 50.17 3.69 -26.51
CA ALA B 41 51.49 4.07 -25.92
C ALA B 41 51.85 3.26 -24.72
N ASN B 42 52.73 3.82 -23.89
CA ASN B 42 53.31 3.08 -22.72
C ASN B 42 52.42 2.44 -21.69
N LYS B 43 51.12 2.71 -21.68
CA LYS B 43 50.27 2.13 -20.65
C LYS B 43 50.33 3.07 -19.43
N ASP B 44 50.98 4.22 -19.62
CA ASP B 44 51.13 5.21 -18.61
C ASP B 44 50.71 6.44 -19.45
N CYS B 45 49.55 7.00 -19.17
CA CYS B 45 49.08 8.12 -19.88
C CYS B 45 48.53 9.05 -18.76
N PRO B 46 48.74 10.36 -18.88
CA PRO B 46 48.30 11.24 -17.81
C PRO B 46 46.78 11.35 -17.75
N VAL B 47 46.29 11.62 -16.54
CA VAL B 47 44.86 11.65 -16.26
C VAL B 47 44.55 12.91 -15.46
N ASP B 48 43.74 13.79 -16.04
CA ASP B 48 43.17 14.95 -15.35
C ASP B 48 41.92 15.36 -16.11
N LYS B 49 41.26 16.43 -15.63
CA LYS B 49 40.01 16.87 -16.23
C LYS B 49 40.14 17.11 -17.74
N ARG B 50 41.17 17.84 -18.16
CA ARG B 50 41.30 18.25 -19.55
C ARG B 50 41.76 17.11 -20.46
N ARG B 51 42.37 16.07 -19.90
CA ARG B 51 42.97 15.01 -20.73
C ARG B 51 42.48 13.63 -20.33
N ARG B 52 41.27 13.52 -19.77
CA ARG B 52 40.80 12.21 -19.33
C ARG B 52 40.28 11.36 -20.49
N ASN B 53 39.82 11.99 -21.57
CA ASN B 53 39.27 11.26 -22.70
C ASN B 53 40.32 10.85 -23.73
N ARG B 54 41.60 11.11 -23.46
CA ARG B 54 42.63 10.86 -24.47
C ARG B 54 42.91 9.37 -24.65
N CYS B 55 43.13 8.66 -23.54
CA CYS B 55 43.36 7.22 -23.58
C CYS B 55 42.31 6.53 -22.74
N GLN B 56 41.47 5.72 -23.38
CA GLN B 56 40.44 4.99 -22.65
C GLN B 56 41.03 3.92 -21.75
N PHE B 57 42.01 3.17 -22.26
CA PHE B 57 42.61 2.09 -21.49
C PHE B 57 43.21 2.60 -20.19
N CYS B 58 44.00 3.67 -20.27
CA CYS B 58 44.65 4.20 -19.07
C CYS B 58 43.63 4.76 -18.10
N ARG B 59 42.56 5.39 -18.61
CA ARG B 59 41.53 5.90 -17.73
C ARG B 59 40.85 4.76 -16.97
N PHE B 60 40.60 3.64 -17.65
CA PHE B 60 40.04 2.48 -16.96
C PHE B 60 41.08 1.83 -16.05
N GLN B 61 42.35 1.81 -16.47
CA GLN B 61 43.41 1.27 -15.64
C GLN B 61 43.47 2.01 -14.30
N LYS B 62 43.41 3.34 -14.34
CA LYS B 62 43.44 4.13 -13.13
C LYS B 62 42.18 3.91 -12.28
N CYS B 63 41.06 3.59 -12.93
CA CYS B 63 39.83 3.34 -12.18
C CYS B 63 39.97 2.13 -11.26
N LEU B 64 40.44 1.01 -11.79
CA LEU B 64 40.73 -0.14 -10.94
C LEU B 64 41.87 0.16 -9.98
N ALA B 65 42.77 1.05 -10.36
CA ALA B 65 43.92 1.36 -9.52
C ALA B 65 43.50 2.10 -8.24
N VAL B 66 42.36 2.79 -8.26
CA VAL B 66 41.86 3.49 -7.09
C VAL B 66 40.67 2.75 -6.51
N GLY B 67 40.53 1.45 -6.80
CA GLY B 67 39.58 0.62 -6.09
C GLY B 67 38.13 0.56 -6.53
N MET B 68 37.81 1.07 -7.72
CA MET B 68 36.45 0.92 -8.22
C MET B 68 36.16 -0.55 -8.50
N VAL B 69 34.91 -0.95 -8.24
CA VAL B 69 34.51 -2.35 -8.19
C VAL B 69 33.62 -2.67 -9.37
N LYS B 70 33.88 -3.81 -10.03
CA LYS B 70 33.02 -4.27 -11.11
C LYS B 70 31.77 -4.96 -10.59
N GLU B 71 31.82 -5.52 -9.39
CA GLU B 71 30.70 -6.29 -8.85
C GLU B 71 29.48 -5.44 -8.57
N VAL B 72 29.65 -4.13 -8.43
CA VAL B 72 28.52 -3.27 -8.05
C VAL B 72 27.65 -2.97 -9.26
N VAL B 73 28.22 -2.95 -10.46
CA VAL B 73 27.41 -2.77 -11.67
C VAL B 73 26.41 -3.90 -11.78
N ARG B 74 25.17 -3.54 -12.07
CA ARG B 74 24.09 -4.51 -12.15
C ARG B 74 23.89 -5.11 -13.53
N THR B 75 24.01 -6.42 -13.56
CA THR B 75 23.82 -7.22 -14.74
C THR B 75 23.13 -8.52 -14.31
N ASP B 76 22.88 -9.38 -15.27
CA ASP B 76 22.23 -10.66 -14.99
C ASP B 76 20.75 -10.42 -14.68
N SER B 77 20.43 -10.21 -13.41
CA SER B 77 19.05 -10.00 -12.98
C SER B 77 18.71 -8.55 -12.65
N LEU B 78 19.58 -7.86 -11.93
CA LEU B 78 19.31 -6.48 -11.55
C LEU B 78 19.41 -5.49 -12.70
N LYS B 79 19.44 -6.00 -13.93
CA LYS B 79 19.54 -5.11 -15.08
C LYS B 79 18.42 -4.13 -14.79
N GLY B 80 18.76 -2.86 -14.59
CA GLY B 80 17.80 -1.81 -14.29
C GLY B 80 17.27 -1.56 -12.90
N ARG B 81 17.51 -2.44 -11.93
CA ARG B 81 17.03 -2.23 -10.57
C ARG B 81 17.73 -0.97 -10.10
N ARG B 82 16.95 0.07 -9.80
CA ARG B 82 17.50 1.38 -9.49
C ARG B 82 17.63 1.48 -7.97
N GLY B 83 18.24 2.58 -7.51
CA GLY B 83 18.32 2.89 -6.10
C GLY B 83 19.10 1.89 -5.27
N ARG B 84 18.99 2.06 -3.95
CA ARG B 84 19.64 1.17 -3.01
C ARG B 84 18.92 -0.18 -2.95
N LEU B 85 19.61 -1.16 -2.39
CA LEU B 85 19.11 -2.53 -2.27
C LEU B 85 18.67 -2.80 -0.83
N PRO B 86 17.74 -3.74 -0.62
CA PRO B 86 17.33 -4.07 0.75
C PRO B 86 18.48 -4.68 1.53
N ARG D 2 -17.97 4.76 -31.13
CA ARG D 2 -17.77 5.17 -29.75
C ARG D 2 -16.36 5.70 -29.51
N CYS D 3 -15.43 5.35 -30.40
CA CYS D 3 -14.08 5.88 -30.32
C CYS D 3 -14.09 7.38 -30.57
N ALA D 4 -13.50 8.13 -29.63
CA ALA D 4 -13.48 9.59 -29.68
C ALA D 4 -12.57 10.15 -30.77
N VAL D 5 -12.13 9.32 -31.70
CA VAL D 5 -11.29 9.80 -32.80
C VAL D 5 -11.78 9.33 -34.17
N CYS D 6 -11.92 8.02 -34.35
CA CYS D 6 -12.39 7.48 -35.61
C CYS D 6 -13.91 7.52 -35.59
N GLY D 7 -14.50 7.21 -34.44
CA GLY D 7 -15.88 6.78 -34.38
C GLY D 7 -16.04 5.28 -34.49
N ASP D 8 -14.94 4.54 -34.58
CA ASP D 8 -14.98 3.09 -34.63
C ASP D 8 -15.45 2.55 -33.28
N ASN D 9 -15.76 1.26 -33.25
CA ASN D 9 -16.26 0.63 -32.05
C ASN D 9 -15.19 0.63 -30.97
N ALA D 10 -15.53 1.15 -29.79
CA ALA D 10 -14.59 1.25 -28.68
C ALA D 10 -15.08 0.41 -27.51
N SER D 11 -14.12 -0.20 -26.80
CA SER D 11 -14.42 -1.09 -25.68
C SER D 11 -14.05 -0.59 -24.29
N CYS D 12 -12.93 0.13 -24.17
CA CYS D 12 -12.46 0.63 -22.89
C CYS D 12 -11.81 1.97 -23.15
N GLN D 13 -11.47 2.67 -22.07
CA GLN D 13 -10.77 3.93 -22.15
C GLN D 13 -9.28 3.69 -22.42
N HIS D 14 -8.63 4.72 -22.98
CA HIS D 14 -7.20 4.64 -23.24
C HIS D 14 -6.61 6.03 -23.07
N TYR D 15 -5.69 6.17 -22.12
CA TYR D 15 -4.97 7.42 -21.89
C TYR D 15 -5.94 8.57 -21.57
N GLY D 16 -7.04 8.23 -20.89
CA GLY D 16 -7.99 9.21 -20.44
C GLY D 16 -9.16 9.48 -21.37
N VAL D 17 -9.22 8.80 -22.52
CA VAL D 17 -10.29 9.02 -23.49
C VAL D 17 -10.78 7.69 -24.01
N ARG D 18 -12.07 7.62 -24.31
CA ARG D 18 -12.71 6.45 -24.90
C ARG D 18 -12.22 6.40 -26.34
N THR D 19 -11.43 5.37 -26.67
CA THR D 19 -10.77 5.32 -27.96
C THR D 19 -10.84 3.89 -28.50
N CYS D 20 -10.53 3.77 -29.79
CA CYS D 20 -10.48 2.48 -30.47
C CYS D 20 -9.17 1.78 -30.10
N GLU D 21 -9.00 0.56 -30.62
CA GLU D 21 -7.73 -0.15 -30.51
C GLU D 21 -6.73 0.24 -31.59
N GLY D 22 -7.19 0.90 -32.65
CA GLY D 22 -6.32 1.39 -33.69
C GLY D 22 -5.65 2.70 -33.31
N CYS D 23 -6.43 3.62 -32.74
CA CYS D 23 -5.85 4.86 -32.22
C CYS D 23 -5.04 4.58 -30.96
N LYS D 24 -5.38 3.52 -30.22
CA LYS D 24 -4.59 3.13 -29.07
C LYS D 24 -3.14 2.86 -29.47
N GLY D 25 -2.95 1.98 -30.44
CA GLY D 25 -1.59 1.68 -30.90
C GLY D 25 -0.94 2.87 -31.57
N PHE D 26 -1.71 3.64 -32.33
CA PHE D 26 -1.15 4.81 -33.01
C PHE D 26 -0.61 5.82 -31.99
N PHE D 27 -1.46 6.24 -31.06
CA PHE D 27 -1.05 7.22 -30.05
C PHE D 27 0.14 6.72 -29.25
N LYS D 28 0.18 5.43 -28.94
CA LYS D 28 1.27 4.88 -28.14
C LYS D 28 2.59 4.94 -28.90
N ARG D 29 2.61 4.42 -30.14
CA ARG D 29 3.83 4.40 -30.92
C ARG D 29 4.35 5.82 -31.16
N THR D 30 3.44 6.77 -31.38
CA THR D 30 3.86 8.15 -31.64
C THR D 30 4.60 8.74 -30.45
N VAL D 31 4.01 8.61 -29.25
CA VAL D 31 4.66 9.13 -28.05
C VAL D 31 5.90 8.33 -27.71
N GLN D 32 5.84 7.01 -27.88
CA GLN D 32 6.98 6.16 -27.56
C GLN D 32 8.21 6.51 -28.39
N LYS D 33 8.02 6.94 -29.63
CA LYS D 33 9.11 7.26 -30.52
C LYS D 33 9.29 8.76 -30.69
N ASN D 34 8.44 9.56 -30.03
CA ASN D 34 8.52 11.01 -30.17
C ASN D 34 8.54 11.33 -31.65
N ALA D 35 7.58 10.81 -32.37
CA ALA D 35 7.53 11.01 -33.82
C ALA D 35 7.15 12.44 -34.16
N LYS D 36 7.44 12.83 -35.40
CA LYS D 36 7.10 14.15 -35.92
C LYS D 36 6.43 13.96 -37.28
N TYR D 37 5.22 14.48 -37.41
CA TYR D 37 4.44 14.34 -38.63
C TYR D 37 4.23 15.70 -39.29
N ILE D 38 3.95 15.65 -40.59
CA ILE D 38 3.69 16.84 -41.39
C ILE D 38 2.42 16.58 -42.20
N CYS D 39 1.46 17.51 -42.11
CA CYS D 39 0.23 17.40 -42.87
C CYS D 39 0.40 18.05 -44.23
N LEU D 40 0.19 17.26 -45.29
CA LEU D 40 0.33 17.75 -46.67
C LEU D 40 -0.64 18.85 -47.06
N ALA D 41 -1.57 19.21 -46.17
CA ALA D 41 -2.59 20.13 -46.48
C ALA D 41 -2.88 21.14 -45.36
N ASN D 42 -4.10 21.66 -45.33
CA ASN D 42 -4.56 22.58 -44.30
C ASN D 42 -4.20 22.40 -42.91
N LYS D 43 -3.81 21.18 -42.53
CA LYS D 43 -3.66 20.81 -41.13
C LYS D 43 -5.03 20.33 -40.67
N ASP D 44 -5.93 20.14 -41.62
CA ASP D 44 -7.31 19.81 -41.24
C ASP D 44 -7.97 18.60 -41.88
N CYS D 45 -7.19 17.60 -42.25
CA CYS D 45 -7.78 16.41 -42.78
C CYS D 45 -8.77 15.76 -41.85
N PRO D 46 -9.93 15.34 -42.33
CA PRO D 46 -10.91 14.67 -41.45
C PRO D 46 -10.42 13.30 -41.05
N VAL D 47 -11.18 12.69 -40.14
CA VAL D 47 -10.85 11.38 -39.58
C VAL D 47 -12.13 10.60 -39.39
N ASP D 48 -12.22 9.44 -40.03
CA ASP D 48 -13.22 8.42 -39.74
C ASP D 48 -12.54 7.07 -39.89
N LYS D 49 -13.30 5.99 -39.68
CA LYS D 49 -12.73 4.65 -39.73
C LYS D 49 -12.06 4.34 -41.06
N ARG D 50 -12.33 5.14 -42.09
CA ARG D 50 -11.79 4.92 -43.42
C ARG D 50 -10.64 5.87 -43.77
N ARG D 51 -10.76 7.16 -43.46
CA ARG D 51 -9.76 8.15 -43.81
C ARG D 51 -8.74 8.41 -42.70
N ARG D 52 -8.66 7.52 -41.70
CA ARG D 52 -7.88 7.80 -40.51
C ARG D 52 -6.38 7.64 -40.72
N ASN D 53 -5.95 6.70 -41.56
CA ASN D 53 -4.53 6.46 -41.78
C ASN D 53 -3.92 7.40 -42.81
N ARG D 54 -4.70 8.35 -43.33
CA ARG D 54 -4.29 9.09 -44.52
C ARG D 54 -3.45 10.31 -44.22
N CYS D 55 -3.49 10.84 -43.00
CA CYS D 55 -2.61 11.92 -42.58
C CYS D 55 -2.23 11.67 -41.13
N GLN D 56 -0.97 11.29 -40.90
CA GLN D 56 -0.53 10.96 -39.54
C GLN D 56 -0.48 12.19 -38.65
N PHE D 57 -0.33 13.39 -39.25
CA PHE D 57 -0.33 14.61 -38.46
C PHE D 57 -1.72 14.91 -37.91
N CYS D 58 -2.73 14.94 -38.79
CA CYS D 58 -4.07 15.33 -38.37
C CYS D 58 -4.69 14.33 -37.40
N ARG D 59 -4.27 13.06 -37.45
CA ARG D 59 -4.76 12.09 -36.49
C ARG D 59 -4.22 12.40 -35.10
N PHE D 60 -2.88 12.48 -34.97
CA PHE D 60 -2.30 12.77 -33.66
C PHE D 60 -2.74 14.13 -33.13
N GLN D 61 -3.04 15.08 -34.02
CA GLN D 61 -3.59 16.36 -33.58
C GLN D 61 -4.94 16.17 -32.91
N LYS D 62 -5.79 15.33 -33.52
CA LYS D 62 -7.10 15.06 -32.93
C LYS D 62 -6.97 14.24 -31.65
N CYS D 63 -5.92 13.42 -31.55
CA CYS D 63 -5.70 12.65 -30.33
C CYS D 63 -5.51 13.56 -29.13
N LEU D 64 -4.69 14.61 -29.30
CA LEU D 64 -4.46 15.54 -28.19
C LEU D 64 -5.67 16.43 -27.96
N ALA D 65 -6.46 16.70 -29.02
CA ALA D 65 -7.63 17.56 -28.86
C ALA D 65 -8.64 16.94 -27.90
N VAL D 66 -8.86 15.63 -28.01
CA VAL D 66 -9.77 14.95 -27.09
C VAL D 66 -9.13 14.68 -25.74
N GLY D 67 -7.87 15.05 -25.54
CA GLY D 67 -7.23 14.97 -24.25
C GLY D 67 -6.38 13.78 -23.86
N MET D 68 -6.07 12.91 -24.81
CA MET D 68 -5.17 11.80 -24.58
C MET D 68 -3.87 12.27 -23.91
N VAL D 69 -3.58 11.70 -22.74
CA VAL D 69 -2.49 12.21 -21.91
C VAL D 69 -1.22 11.51 -22.38
N LYS D 70 -0.18 12.29 -22.65
CA LYS D 70 1.09 11.70 -23.09
C LYS D 70 1.81 11.02 -21.93
N GLU D 71 1.69 11.59 -20.72
CA GLU D 71 2.41 11.05 -19.56
C GLU D 71 1.96 9.66 -19.17
N VAL D 72 0.85 9.17 -19.72
CA VAL D 72 0.42 7.81 -19.42
C VAL D 72 1.21 6.80 -20.23
N VAL D 73 1.68 7.18 -21.42
CA VAL D 73 2.58 6.33 -22.20
C VAL D 73 3.80 6.22 -21.29
N ARG D 74 4.04 5.02 -20.79
CA ARG D 74 4.98 4.84 -19.69
C ARG D 74 6.39 4.85 -20.26
N THR D 75 7.24 5.71 -19.69
CA THR D 75 8.61 5.82 -20.14
C THR D 75 9.57 5.76 -18.95
N ASP D 76 10.86 5.91 -19.22
CA ASP D 76 11.89 5.87 -18.19
C ASP D 76 11.85 4.56 -17.42
N SER D 77 11.81 4.65 -16.10
CA SER D 77 11.76 3.46 -15.25
C SER D 77 10.54 2.60 -15.61
N LEU D 78 9.38 3.23 -15.70
CA LEU D 78 8.15 2.55 -16.05
C LEU D 78 8.21 1.85 -17.40
N LYS D 79 9.30 2.05 -18.16
CA LYS D 79 9.41 1.44 -19.48
C LYS D 79 9.20 -0.07 -19.44
N GLY D 80 8.24 -0.54 -20.24
CA GLY D 80 7.97 -1.96 -20.36
C GLY D 80 7.12 -2.58 -19.27
N ARG D 81 6.71 -1.80 -18.27
CA ARG D 81 5.92 -2.37 -17.18
C ARG D 81 4.48 -2.45 -17.68
N ARG D 82 3.79 -3.50 -17.26
CA ARG D 82 2.45 -3.82 -17.75
C ARG D 82 1.42 -3.64 -16.64
N GLY D 83 0.16 -3.80 -17.03
CA GLY D 83 -0.94 -3.84 -16.08
C GLY D 83 -1.21 -2.48 -15.46
N ARG D 84 -1.37 -2.46 -14.14
CA ARG D 84 -1.83 -1.28 -13.42
C ARG D 84 -0.79 -0.79 -12.42
N LEU D 85 -0.79 0.53 -12.18
CA LEU D 85 0.14 1.11 -11.24
C LEU D 85 -0.47 1.17 -9.84
N PRO D 86 0.31 0.87 -8.80
CA PRO D 86 -0.24 0.87 -7.44
C PRO D 86 -0.50 2.28 -6.95
N SER D 87 -1.33 2.36 -5.91
CA SER D 87 -1.67 3.63 -5.28
C SER D 87 -2.31 3.39 -3.92
N GLY F 1 -31.68 -29.08 8.41
CA GLY F 1 -30.99 -30.11 9.16
C GLY F 1 -29.71 -30.57 8.49
N ARG F 2 -28.62 -29.85 8.74
CA ARG F 2 -27.33 -30.17 8.15
C ARG F 2 -26.19 -30.15 9.17
N CYS F 3 -26.46 -29.78 10.42
CA CYS F 3 -25.45 -29.70 11.46
C CYS F 3 -25.15 -31.06 12.07
N ALA F 4 -23.86 -31.37 12.20
CA ALA F 4 -23.41 -32.66 12.73
C ALA F 4 -23.55 -32.73 14.25
N VAL F 5 -24.20 -31.75 14.87
CA VAL F 5 -24.36 -31.76 16.32
C VAL F 5 -25.73 -31.39 16.85
N CYS F 6 -26.33 -30.32 16.30
CA CYS F 6 -27.62 -29.84 16.76
C CYS F 6 -28.62 -30.42 15.76
N GLY F 7 -28.33 -30.25 14.47
CA GLY F 7 -29.34 -30.46 13.46
C GLY F 7 -30.11 -29.19 13.15
N ASP F 8 -29.47 -28.03 13.28
CA ASP F 8 -30.10 -26.78 12.99
C ASP F 8 -29.51 -26.36 11.68
N ASN F 9 -29.82 -25.17 11.19
CA ASN F 9 -29.25 -24.66 9.92
C ASN F 9 -27.75 -24.47 9.81
N ALA F 10 -27.13 -25.30 8.99
CA ALA F 10 -25.68 -25.28 8.81
C ALA F 10 -25.35 -24.40 7.60
N SER F 11 -24.75 -23.25 7.86
CA SER F 11 -24.44 -22.30 6.80
C SER F 11 -23.07 -22.53 6.19
N CYS F 12 -22.09 -22.96 7.00
CA CYS F 12 -20.73 -23.16 6.54
C CYS F 12 -20.05 -24.17 7.46
N GLN F 13 -18.76 -24.38 7.22
CA GLN F 13 -17.95 -25.30 8.02
C GLN F 13 -17.30 -24.53 9.17
N HIS F 14 -17.06 -25.24 10.27
CA HIS F 14 -16.51 -24.61 11.47
C HIS F 14 -15.59 -25.58 12.18
N TYR F 15 -14.31 -25.20 12.28
CA TYR F 15 -13.31 -25.98 13.01
C TYR F 15 -13.23 -27.41 12.49
N GLY F 16 -13.51 -27.59 11.21
CA GLY F 16 -13.40 -28.87 10.53
C GLY F 16 -14.71 -29.55 10.23
N VAL F 17 -15.84 -29.03 10.70
CA VAL F 17 -17.13 -29.70 10.58
C VAL F 17 -18.19 -28.72 10.12
N ARG F 18 -19.13 -29.21 9.31
CA ARG F 18 -20.36 -28.51 9.01
C ARG F 18 -21.09 -28.40 10.34
N THR F 19 -21.20 -27.18 10.88
CA THR F 19 -21.84 -26.97 12.16
C THR F 19 -22.80 -25.79 12.00
N CYS F 20 -23.67 -25.63 12.98
CA CYS F 20 -24.54 -24.47 13.06
C CYS F 20 -23.85 -23.37 13.86
N GLU F 21 -24.45 -22.17 13.84
CA GLU F 21 -23.83 -21.03 14.51
C GLU F 21 -23.83 -21.19 16.02
N GLY F 22 -24.69 -22.05 16.56
CA GLY F 22 -24.69 -22.26 18.00
C GLY F 22 -23.51 -23.08 18.47
N CYS F 23 -23.23 -24.19 17.79
CA CYS F 23 -22.09 -25.03 18.15
C CYS F 23 -20.79 -24.26 18.05
N LYS F 24 -20.66 -23.42 17.01
CA LYS F 24 -19.47 -22.59 16.86
C LYS F 24 -19.20 -21.78 18.11
N GLY F 25 -20.24 -21.12 18.64
CA GLY F 25 -20.07 -20.35 19.86
C GLY F 25 -19.78 -21.22 21.07
N PHE F 26 -20.40 -22.40 21.14
CA PHE F 26 -20.17 -23.27 22.29
C PHE F 26 -18.79 -23.91 22.24
N PHE F 27 -18.38 -24.40 21.06
CA PHE F 27 -17.07 -25.01 20.93
C PHE F 27 -15.96 -24.00 21.15
N LYS F 28 -16.10 -22.79 20.60
CA LYS F 28 -15.07 -21.77 20.76
C LYS F 28 -14.95 -21.33 22.22
N ARG F 29 -16.08 -21.06 22.87
CA ARG F 29 -16.04 -20.60 24.25
C ARG F 29 -15.44 -21.63 25.19
N THR F 30 -15.62 -22.92 24.88
CA THR F 30 -15.06 -23.96 25.74
C THR F 30 -13.55 -24.00 25.62
N VAL F 31 -13.03 -24.08 24.39
CA VAL F 31 -11.58 -24.12 24.19
C VAL F 31 -10.93 -22.84 24.68
N GLN F 32 -11.62 -21.70 24.50
CA GLN F 32 -11.10 -20.43 24.98
C GLN F 32 -10.93 -20.44 26.50
N LYS F 33 -11.83 -21.11 27.21
CA LYS F 33 -11.77 -21.22 28.66
C LYS F 33 -11.16 -22.53 29.15
N ASN F 34 -11.00 -23.48 28.25
CA ASN F 34 -10.49 -24.79 28.57
C ASN F 34 -11.36 -25.34 29.69
N ALA F 35 -12.66 -25.14 29.54
CA ALA F 35 -13.65 -25.59 30.51
C ALA F 35 -13.83 -27.10 30.46
N LYS F 36 -14.06 -27.69 31.64
CA LYS F 36 -14.39 -29.10 31.78
C LYS F 36 -15.77 -29.22 32.37
N TYR F 37 -16.65 -29.92 31.67
CA TYR F 37 -18.04 -30.06 32.07
C TYR F 37 -18.26 -31.40 32.78
N ILE F 38 -19.46 -31.54 33.36
CA ILE F 38 -19.82 -32.72 34.13
C ILE F 38 -21.25 -33.10 33.75
N CYS F 39 -21.45 -34.32 33.27
CA CYS F 39 -22.77 -34.85 32.93
C CYS F 39 -23.34 -35.60 34.12
N LEU F 40 -24.39 -35.06 34.72
CA LEU F 40 -25.05 -35.69 35.86
C LEU F 40 -25.74 -37.00 35.55
N ALA F 41 -25.59 -37.51 34.33
CA ALA F 41 -26.25 -38.76 33.95
C ALA F 41 -25.33 -39.77 33.26
N ASN F 42 -25.89 -40.56 32.36
CA ASN F 42 -25.14 -41.61 31.66
C ASN F 42 -24.24 -41.17 30.49
N LYS F 43 -23.89 -39.89 30.45
CA LYS F 43 -23.02 -39.36 29.41
C LYS F 43 -23.60 -39.74 28.06
N ASP F 44 -24.93 -39.73 27.96
CA ASP F 44 -25.59 -40.08 26.72
C ASP F 44 -26.73 -39.14 26.33
N CYS F 45 -26.92 -38.07 27.11
CA CYS F 45 -27.99 -37.14 26.81
C CYS F 45 -28.18 -36.86 25.32
N PRO F 46 -29.42 -36.82 24.85
CA PRO F 46 -29.67 -36.48 23.45
C PRO F 46 -29.26 -35.06 23.10
N VAL F 47 -28.97 -34.87 21.81
CA VAL F 47 -28.53 -33.58 21.30
C VAL F 47 -29.41 -33.22 20.11
N ASP F 48 -30.05 -32.05 20.18
CA ASP F 48 -30.97 -31.59 19.16
C ASP F 48 -31.24 -30.10 19.37
N LYS F 49 -31.88 -29.49 18.36
CA LYS F 49 -32.11 -28.05 18.32
C LYS F 49 -32.65 -27.48 19.63
N ARG F 50 -33.51 -28.24 20.31
CA ARG F 50 -34.13 -27.73 21.53
C ARG F 50 -33.31 -28.04 22.78
N ARG F 51 -32.94 -29.31 22.97
CA ARG F 51 -32.31 -29.75 24.22
C ARG F 51 -30.79 -29.77 24.14
N ARG F 52 -30.20 -28.96 23.25
CA ARG F 52 -28.75 -28.89 23.17
C ARG F 52 -28.15 -28.24 24.41
N ASN F 53 -28.84 -27.29 25.01
CA ASN F 53 -28.36 -26.58 26.19
C ASN F 53 -28.76 -27.26 27.49
N ARG F 54 -29.11 -28.54 27.44
CA ARG F 54 -29.51 -29.26 28.64
C ARG F 54 -28.38 -30.07 29.26
N CYS F 55 -27.30 -30.29 28.52
CA CYS F 55 -26.09 -30.88 29.07
C CYS F 55 -24.94 -30.31 28.25
N GLN F 56 -24.02 -29.62 28.91
CA GLN F 56 -22.88 -29.05 28.21
C GLN F 56 -21.91 -30.16 27.85
N PHE F 57 -21.64 -31.06 28.79
CA PHE F 57 -20.70 -32.16 28.57
C PHE F 57 -21.11 -33.01 27.38
N CYS F 58 -22.36 -33.50 27.39
CA CYS F 58 -22.82 -34.37 26.31
C CYS F 58 -22.81 -33.63 24.97
N ARG F 59 -23.14 -32.32 24.99
CA ARG F 59 -23.03 -31.52 23.79
C ARG F 59 -21.60 -31.47 23.27
N PHE F 60 -20.63 -31.25 24.19
CA PHE F 60 -19.24 -31.18 23.78
C PHE F 60 -18.71 -32.55 23.35
N GLN F 61 -19.23 -33.63 23.92
CA GLN F 61 -18.81 -34.96 23.51
C GLN F 61 -19.16 -35.23 22.06
N LYS F 62 -20.33 -34.76 21.62
CA LYS F 62 -20.76 -34.98 20.24
C LYS F 62 -20.00 -34.10 19.26
N CYS F 63 -19.50 -32.95 19.70
CA CYS F 63 -18.70 -32.10 18.83
C CYS F 63 -17.38 -32.79 18.46
N LEU F 64 -16.63 -33.24 19.47
CA LEU F 64 -15.40 -33.98 19.21
C LEU F 64 -15.69 -35.28 18.46
N ALA F 65 -16.85 -35.89 18.70
CA ALA F 65 -17.18 -37.15 18.05
C ALA F 65 -17.26 -36.99 16.55
N VAL F 66 -17.98 -35.96 16.07
CA VAL F 66 -18.09 -35.74 14.63
C VAL F 66 -16.88 -35.05 14.04
N GLY F 67 -15.89 -34.70 14.87
CA GLY F 67 -14.59 -34.32 14.36
C GLY F 67 -14.07 -32.89 14.43
N MET F 68 -14.74 -32.03 15.19
CA MET F 68 -14.21 -30.70 15.42
C MET F 68 -12.83 -30.61 16.04
N VAL F 69 -12.02 -29.68 15.52
CA VAL F 69 -10.59 -29.64 15.78
C VAL F 69 -10.30 -28.44 16.66
N LYS F 70 -9.83 -28.70 17.88
CA LYS F 70 -9.64 -27.63 18.86
C LYS F 70 -8.48 -26.72 18.51
N GLU F 71 -7.49 -27.22 17.77
CA GLU F 71 -6.27 -26.45 17.51
C GLU F 71 -6.50 -25.28 16.57
N VAL F 72 -7.59 -25.29 15.79
CA VAL F 72 -7.88 -24.14 14.93
C VAL F 72 -8.37 -22.97 15.76
N VAL F 73 -8.95 -23.23 16.94
CA VAL F 73 -9.30 -22.18 17.88
C VAL F 73 -8.00 -21.47 18.21
N ARG F 74 -7.92 -20.20 17.83
CA ARG F 74 -6.65 -19.49 17.82
C ARG F 74 -6.33 -19.01 19.24
N THR F 75 -5.11 -19.30 19.68
CA THR F 75 -4.67 -19.01 21.05
C THR F 75 -3.27 -18.42 21.01
N ASP F 76 -2.77 -18.04 22.18
CA ASP F 76 -1.41 -17.55 22.36
C ASP F 76 -1.21 -16.43 21.34
N SER F 77 -0.16 -16.55 20.53
CA SER F 77 0.12 -15.52 19.53
C SER F 77 -1.02 -15.16 18.58
N LEU F 78 -1.81 -16.14 18.19
CA LEU F 78 -2.95 -15.91 17.30
C LEU F 78 -4.17 -15.36 18.02
N LYS F 79 -4.09 -15.20 19.34
CA LYS F 79 -5.24 -14.76 20.14
C LYS F 79 -5.70 -13.47 19.48
N GLY F 80 -6.93 -13.44 19.00
CA GLY F 80 -7.53 -12.25 18.42
C GLY F 80 -7.53 -12.04 16.93
N ARG F 81 -6.63 -12.69 16.19
CA ARG F 81 -6.51 -12.44 14.76
C ARG F 81 -7.70 -13.07 14.02
N ARG F 82 -8.42 -12.23 13.27
CA ARG F 82 -9.59 -12.66 12.54
C ARG F 82 -9.20 -13.13 11.13
N GLY F 83 -10.18 -13.55 10.35
CA GLY F 83 -9.99 -13.82 8.94
C GLY F 83 -9.29 -15.12 8.60
N ARG F 84 -8.83 -15.20 7.35
CA ARG F 84 -8.16 -16.39 6.86
C ARG F 84 -6.69 -16.31 7.30
N LEU F 85 -5.95 -17.39 7.06
CA LEU F 85 -4.55 -17.49 7.45
C LEU F 85 -3.68 -17.65 6.21
N PRO F 86 -2.64 -16.82 6.04
CA PRO F 86 -1.72 -16.92 4.91
C PRO F 86 -0.77 -18.11 5.03
N ARG H 2 -5.10 26.75 23.56
CA ARG H 2 -5.43 26.38 22.19
C ARG H 2 -6.39 25.19 22.14
N CYS H 3 -6.53 24.49 23.26
CA CYS H 3 -7.47 23.37 23.33
C CYS H 3 -8.88 23.87 23.10
N ALA H 4 -9.59 23.23 22.16
CA ALA H 4 -10.88 23.73 21.71
C ALA H 4 -11.96 23.66 22.80
N VAL H 5 -11.68 22.97 23.91
CA VAL H 5 -12.63 22.92 25.01
C VAL H 5 -12.32 23.59 26.34
N CYS H 6 -11.05 23.58 26.74
CA CYS H 6 -10.67 24.19 28.01
C CYS H 6 -10.16 25.58 27.66
N GLY H 7 -9.44 25.71 26.56
CA GLY H 7 -8.54 26.82 26.37
C GLY H 7 -7.16 26.56 26.92
N ASP H 8 -6.90 25.35 27.40
CA ASP H 8 -5.61 24.95 27.98
C ASP H 8 -4.62 24.73 26.78
N ASN H 9 -3.37 24.46 27.11
CA ASN H 9 -2.36 24.20 26.14
C ASN H 9 -2.54 22.94 25.29
N ALA H 10 -2.56 23.07 23.97
CA ALA H 10 -2.61 21.95 23.05
C ALA H 10 -1.41 21.90 22.12
N SER H 11 -1.02 20.69 21.72
CA SER H 11 0.12 20.56 20.84
C SER H 11 -0.07 19.74 19.57
N CYS H 12 -1.29 19.22 19.40
CA CYS H 12 -1.57 18.42 18.21
C CYS H 12 -3.08 18.07 18.12
N GLN H 13 -3.55 17.59 16.98
CA GLN H 13 -4.94 17.19 16.82
C GLN H 13 -5.21 15.83 17.45
N HIS H 14 -6.36 15.72 18.12
CA HIS H 14 -6.78 14.47 18.73
C HIS H 14 -8.23 14.22 18.36
N TYR H 15 -8.48 13.12 17.65
CA TYR H 15 -9.83 12.76 17.18
C TYR H 15 -10.41 13.87 16.30
N GLY H 16 -9.54 14.54 15.54
CA GLY H 16 -9.96 15.51 14.56
C GLY H 16 -10.03 16.94 15.05
N VAL H 17 -9.60 17.22 16.28
CA VAL H 17 -9.68 18.58 16.83
C VAL H 17 -8.41 18.84 17.64
N ARG H 18 -7.99 20.10 17.64
CA ARG H 18 -6.88 20.58 18.46
C ARG H 18 -7.39 20.55 19.89
N THR H 19 -6.87 19.64 20.70
CA THR H 19 -7.33 19.43 22.06
C THR H 19 -6.13 19.30 22.98
N CYS H 20 -6.38 19.45 24.28
CA CYS H 20 -5.35 19.29 25.29
C CYS H 20 -5.18 17.81 25.64
N GLU H 21 -4.26 17.53 26.55
CA GLU H 21 -3.99 16.16 26.95
C GLU H 21 -4.98 15.64 27.99
N GLY H 22 -5.68 16.53 28.70
CA GLY H 22 -6.68 16.12 29.65
C GLY H 22 -8.00 15.75 29.01
N CYS H 23 -8.42 16.55 28.02
CA CYS H 23 -9.64 16.26 27.28
C CYS H 23 -9.47 15.02 26.42
N LYS H 24 -8.31 14.88 25.78
CA LYS H 24 -8.01 13.69 24.99
C LYS H 24 -8.24 12.42 25.81
N GLY H 25 -7.70 12.39 27.02
CA GLY H 25 -7.92 11.25 27.90
C GLY H 25 -9.35 11.13 28.37
N PHE H 26 -10.02 12.26 28.57
CA PHE H 26 -11.42 12.23 29.00
C PHE H 26 -12.32 11.71 27.88
N PHE H 27 -12.13 12.21 26.66
CA PHE H 27 -12.96 11.78 25.54
C PHE H 27 -12.83 10.29 25.27
N LYS H 28 -11.60 9.77 25.33
CA LYS H 28 -11.39 8.35 25.03
C LYS H 28 -12.10 7.46 26.03
N ARG H 29 -11.93 7.75 27.33
CA ARG H 29 -12.55 6.91 28.36
C ARG H 29 -14.07 6.93 28.26
N THR H 30 -14.65 8.12 28.02
CA THR H 30 -16.10 8.22 27.90
C THR H 30 -16.61 7.38 26.74
N VAL H 31 -15.94 7.44 25.59
CA VAL H 31 -16.39 6.70 24.43
C VAL H 31 -16.07 5.21 24.57
N GLN H 32 -14.97 4.87 25.24
CA GLN H 32 -14.59 3.47 25.37
C GLN H 32 -15.51 2.71 26.33
N LYS H 33 -16.02 3.37 27.37
CA LYS H 33 -16.84 2.72 28.38
C LYS H 33 -18.28 3.09 28.11
N ASN H 34 -18.55 3.85 27.05
CA ASN H 34 -19.90 4.27 26.73
C ASN H 34 -20.56 4.72 28.03
N ALA H 35 -19.91 5.67 28.70
CA ALA H 35 -20.38 6.18 29.97
C ALA H 35 -21.48 7.21 29.68
N LYS H 36 -22.33 7.42 30.67
CA LYS H 36 -23.40 8.41 30.60
C LYS H 36 -23.29 9.33 31.80
N TYR H 37 -23.50 10.62 31.58
CA TYR H 37 -23.35 11.62 32.62
C TYR H 37 -24.67 12.34 32.85
N ILE H 38 -24.70 13.12 33.93
CA ILE H 38 -25.87 13.92 34.29
C ILE H 38 -25.37 15.31 34.68
N CYS H 39 -25.99 16.34 34.11
CA CYS H 39 -25.70 17.72 34.49
C CYS H 39 -26.67 18.12 35.59
N LEU H 40 -26.16 18.37 36.78
CA LEU H 40 -26.98 18.77 37.92
C LEU H 40 -27.58 20.16 37.78
N ALA H 41 -27.21 20.86 36.71
CA ALA H 41 -27.69 22.22 36.47
C ALA H 41 -28.57 22.37 35.22
N ASN H 42 -28.56 23.57 34.64
CA ASN H 42 -29.37 23.87 33.46
C ASN H 42 -29.17 23.08 32.17
N LYS H 43 -28.27 22.10 32.18
CA LYS H 43 -27.93 21.30 31.00
C LYS H 43 -26.86 22.05 30.21
N ASP H 44 -26.40 23.19 30.74
CA ASP H 44 -25.33 23.97 30.11
C ASP H 44 -24.59 24.53 31.32
N CYS H 45 -23.30 24.21 31.43
CA CYS H 45 -22.40 24.64 32.50
C CYS H 45 -21.17 25.20 31.77
N PRO H 46 -20.59 26.29 32.25
CA PRO H 46 -19.37 26.81 31.62
C PRO H 46 -18.21 25.84 31.78
N VAL H 47 -17.43 25.70 30.72
CA VAL H 47 -16.30 24.77 30.68
C VAL H 47 -15.06 25.55 30.25
N ASP H 48 -14.12 25.74 31.17
CA ASP H 48 -12.85 26.37 30.86
C ASP H 48 -11.75 25.52 31.52
N LYS H 49 -10.50 25.97 31.43
CA LYS H 49 -9.41 25.24 32.04
C LYS H 49 -9.64 24.76 33.47
N ARG H 50 -10.06 25.66 34.35
CA ARG H 50 -10.13 25.35 35.77
C ARG H 50 -11.42 24.65 36.16
N ARG H 51 -12.53 24.93 35.47
CA ARG H 51 -13.81 24.33 35.79
C ARG H 51 -14.16 23.16 34.89
N ARG H 52 -13.19 22.63 34.14
CA ARG H 52 -13.48 21.54 33.21
C ARG H 52 -13.92 20.27 33.92
N ASN H 53 -13.38 20.05 35.12
CA ASN H 53 -13.72 18.87 35.90
C ASN H 53 -14.89 19.10 36.86
N ARG H 54 -15.77 20.02 36.49
CA ARG H 54 -16.93 20.34 37.32
C ARG H 54 -18.24 19.65 36.97
N CYS H 55 -18.58 19.63 35.68
CA CYS H 55 -19.92 18.96 35.20
C CYS H 55 -19.17 18.10 33.98
N GLN H 56 -19.11 16.78 34.21
CA GLN H 56 -18.61 15.88 33.19
C GLN H 56 -19.52 15.85 31.98
N PHE H 57 -20.84 16.00 32.20
CA PHE H 57 -21.79 15.99 31.09
C PHE H 57 -21.53 17.16 30.14
N CYS H 58 -21.52 18.38 30.68
CA CYS H 58 -21.29 19.55 29.84
C CYS H 58 -19.92 19.52 29.18
N ARG H 59 -18.95 18.86 29.83
CA ARG H 59 -17.65 18.68 29.19
C ARG H 59 -17.77 17.84 27.94
N PHE H 60 -18.38 16.65 28.06
CA PHE H 60 -18.55 15.79 26.89
C PHE H 60 -19.49 16.42 25.86
N GLN H 61 -20.47 17.19 26.32
CA GLN H 61 -21.32 17.93 25.38
C GLN H 61 -20.49 18.91 24.55
N LYS H 62 -19.42 19.45 25.13
CA LYS H 62 -18.54 20.36 24.41
C LYS H 62 -17.62 19.62 23.44
N CYS H 63 -17.18 18.41 23.80
CA CYS H 63 -16.31 17.65 22.92
C CYS H 63 -16.99 17.36 21.59
N LEU H 64 -18.29 17.05 21.63
CA LEU H 64 -19.03 16.81 20.40
C LEU H 64 -19.25 18.11 19.64
N ALA H 65 -19.56 19.20 20.36
CA ALA H 65 -19.85 20.47 19.71
C ALA H 65 -18.65 21.01 18.95
N VAL H 66 -17.44 20.65 19.38
CA VAL H 66 -16.24 21.09 18.67
C VAL H 66 -15.78 20.10 17.63
N GLY H 67 -16.41 18.93 17.54
CA GLY H 67 -16.18 18.02 16.45
C GLY H 67 -15.23 16.86 16.70
N MET H 68 -15.10 16.41 17.94
CA MET H 68 -14.30 15.21 18.21
C MET H 68 -15.08 13.99 17.78
N VAL H 69 -14.48 13.18 16.91
CA VAL H 69 -15.18 12.08 16.25
C VAL H 69 -15.07 10.84 17.12
N LYS H 70 -16.22 10.32 17.54
CA LYS H 70 -16.25 9.14 18.40
C LYS H 70 -15.64 7.92 17.70
N GLU H 71 -15.80 7.83 16.39
CA GLU H 71 -15.34 6.66 15.65
C GLU H 71 -13.83 6.64 15.44
N VAL H 72 -13.12 7.71 15.79
CA VAL H 72 -11.67 7.63 15.77
C VAL H 72 -11.13 6.89 16.98
N VAL H 73 -11.92 6.79 18.06
CA VAL H 73 -11.55 5.99 19.22
C VAL H 73 -11.62 4.53 18.78
N ARG H 74 -10.45 3.93 18.61
CA ARG H 74 -10.31 2.56 18.12
C ARG H 74 -11.20 1.54 18.82
N THR H 75 -11.61 0.54 18.05
CA THR H 75 -12.45 -0.54 18.54
C THR H 75 -12.34 -1.69 17.56
N ASP H 76 -13.24 -2.66 17.67
CA ASP H 76 -13.26 -3.83 16.80
C ASP H 76 -11.89 -4.51 16.71
N SER H 77 -11.47 -4.88 15.51
CA SER H 77 -10.14 -5.52 15.39
C SER H 77 -9.01 -4.47 15.47
N LEU H 78 -9.35 -3.21 15.72
CA LEU H 78 -8.37 -2.16 15.98
C LEU H 78 -8.23 -1.88 17.47
N LYS H 79 -8.95 -2.61 18.32
CA LYS H 79 -8.82 -2.48 19.75
C LYS H 79 -7.39 -2.79 20.18
N GLY H 80 -6.75 -1.83 20.85
CA GLY H 80 -5.38 -1.97 21.27
C GLY H 80 -4.33 -1.73 20.20
N ARG H 81 -4.74 -1.39 18.98
CA ARG H 81 -3.80 -1.10 17.92
C ARG H 81 -3.38 0.35 18.14
N ARG H 82 -2.10 0.63 17.98
CA ARG H 82 -1.54 1.94 18.24
C ARG H 82 -0.90 2.52 16.98
N GLY H 83 -0.61 3.81 17.03
CA GLY H 83 0.09 4.48 15.96
C GLY H 83 -0.79 4.83 14.78
N ARG H 84 -0.13 5.34 13.74
CA ARG H 84 -0.82 5.69 12.51
C ARG H 84 -1.40 4.44 11.84
N LEU H 85 -2.43 4.65 11.03
CA LEU H 85 -3.03 3.56 10.28
C LEU H 85 -2.54 3.58 8.84
N PRO H 86 -2.47 2.41 8.20
CA PRO H 86 -1.98 2.35 6.82
C PRO H 86 -3.02 2.87 5.83
N SER H 87 -2.66 3.91 5.09
CA SER H 87 -3.52 4.48 4.06
C SER H 87 -2.74 5.44 3.17
ZN ZN I . 47.49 5.13 -22.63
ZN ZN J . 36.78 11.92 -12.80
ZN ZN K . -10.18 5.04 -33.35
ZN ZN L . -4.00 16.34 -42.99
ZN ZN M . -25.62 -27.45 15.84
ZN ZN N . -25.21 -35.42 29.88
ZN ZN O . -8.74 20.80 27.15
ZN ZN P . -23.57 20.89 33.29
#